data_3ZON
#
_entry.id   3ZON
#
_cell.length_a   47.810
_cell.length_b   83.720
_cell.length_c   91.220
_cell.angle_alpha   90.00
_cell.angle_beta   90.00
_cell.angle_gamma   90.00
#
_symmetry.space_group_name_H-M   'P 21 21 21'
#
loop_
_entity.id
_entity.type
_entity.pdbx_description
1 polymer 'NON-RECEPTOR TYROSINE-PROTEIN KINASE TYK2'
2 non-polymer 5-PHENYL-2-UREIDOTHIOPHENE-3-CARBOXAMIDE
3 water water
#
_entity_poly.entity_id   1
_entity_poly.type   'polypeptide(L)'
_entity_poly.pdbx_seq_one_letter_code
;SMGDDCFSLRRCCLPQPGETSNLIIMRGARASPRTLNLSQLSFHRVDQKEITQLSHLGQGTRTNVYEGRLRVEGSGDPEE
GKMDDEDPLVPGRDRGQELRVVLKVLDPSHHDIALAFYETASLMSQVSHTHLAFVHGVCVRGPENIMVTEYVEHGPLDVW
LRRERGHVPMAWKMVVAQQLASALSYLENKNLVHGNVCGRNILLARLGLAEGTSPFIKLSDPGVGLGALSREERVERIPW
LAPECLPGGANSLSTAMDKWGFGATLLEICFDGEAPLQSRSPSEKEHFYQRQHRLPEPSCPQLATLTSQCLTYEPTQRPS
FRTILRDLTRLQPHN
;
_entity_poly.pdbx_strand_id   A
#
# COMPACT_ATOMS: atom_id res chain seq x y z
N SER A 39 -12.21 20.33 -11.28
CA SER A 39 -11.30 19.70 -10.27
C SER A 39 -10.49 20.76 -9.53
N GLN A 40 -10.32 20.52 -8.25
CA GLN A 40 -9.61 21.41 -7.37
C GLN A 40 -9.28 20.55 -6.15
N LEU A 41 -8.00 20.35 -5.86
CA LEU A 41 -7.62 19.49 -4.75
C LEU A 41 -8.27 19.91 -3.44
N SER A 42 -8.41 18.96 -2.54
CA SER A 42 -8.91 19.26 -1.20
C SER A 42 -8.11 18.50 -0.18
N PHE A 43 -7.44 19.26 0.69
CA PHE A 43 -6.66 18.69 1.77
C PHE A 43 -6.39 19.82 2.77
N HIS A 44 -6.16 19.45 4.02
CA HIS A 44 -5.90 20.43 5.07
C HIS A 44 -4.45 20.91 5.01
N ARG A 45 -4.27 22.22 5.10
CA ARG A 45 -2.92 22.80 5.16
C ARG A 45 -2.48 22.88 6.59
N VAL A 46 -1.35 22.24 6.89
CA VAL A 46 -0.83 22.16 8.22
C VAL A 46 0.32 23.16 8.29
N ASP A 47 0.29 24.03 9.29
CA ASP A 47 1.36 24.99 9.54
C ASP A 47 2.56 24.29 10.21
N GLN A 48 3.76 24.71 9.87
CA GLN A 48 4.97 24.07 10.39
C GLN A 48 5.11 24.18 11.89
N LYS A 49 4.50 25.21 12.47
CA LYS A 49 4.42 25.36 13.94
C LYS A 49 3.65 24.25 14.62
N GLU A 50 2.71 23.64 13.89
CA GLU A 50 1.80 22.66 14.50
C GLU A 50 2.40 21.24 14.54
N ILE A 51 3.56 21.04 13.91
CA ILE A 51 4.21 19.74 13.90
C ILE A 51 5.58 19.73 14.58
N THR A 52 5.92 18.58 15.15
CA THR A 52 7.24 18.33 15.72
C THR A 52 7.78 17.10 15.01
N GLN A 53 9.02 17.15 14.52
CA GLN A 53 9.59 16.02 13.81
C GLN A 53 10.50 15.21 14.73
N LEU A 54 10.17 13.93 14.94
CA LEU A 54 10.98 13.05 15.81
C LEU A 54 11.82 12.11 14.93
N SER A 55 11.86 10.81 15.22
CA SER A 55 12.87 9.92 14.64
C SER A 55 12.59 9.46 13.22
N HIS A 56 13.66 9.16 12.49
CA HIS A 56 13.58 8.69 11.11
C HIS A 56 13.04 7.27 11.15
N LEU A 57 12.07 6.94 10.29
CA LEU A 57 11.49 5.59 10.30
C LEU A 57 11.98 4.75 9.11
N GLY A 58 12.49 5.40 8.08
CA GLY A 58 12.79 4.73 6.83
C GLY A 58 12.47 5.66 5.69
N GLN A 59 12.47 5.11 4.48
CA GLN A 59 12.34 5.85 3.23
C GLN A 59 11.24 5.26 2.38
N GLY A 60 10.45 6.11 1.74
CA GLY A 60 9.48 5.67 0.74
C GLY A 60 9.95 6.17 -0.62
N THR A 61 9.07 6.11 -1.61
CA THR A 61 9.46 6.50 -2.96
C THR A 61 9.63 8.02 -2.99
N ARG A 62 10.87 8.48 -3.17
CA ARG A 62 11.24 9.91 -3.11
C ARG A 62 10.93 10.57 -1.77
N THR A 63 10.79 9.79 -0.70
CA THR A 63 10.53 10.36 0.61
C THR A 63 11.49 9.91 1.72
N ASN A 64 11.59 10.74 2.74
CA ASN A 64 12.02 10.31 4.07
C ASN A 64 10.86 10.42 5.04
N VAL A 65 10.75 9.40 5.88
CA VAL A 65 9.57 9.21 6.72
C VAL A 65 9.98 9.32 8.17
N TYR A 66 9.28 10.14 8.95
CA TYR A 66 9.60 10.32 10.37
C TYR A 66 8.40 10.16 11.30
N GLU A 67 8.64 9.76 12.55
CA GLU A 67 7.59 9.92 13.56
C GLU A 67 7.47 11.38 13.88
N GLY A 68 6.26 11.80 14.20
CA GLY A 68 6.05 13.18 14.55
C GLY A 68 4.95 13.36 15.54
N ARG A 69 4.66 14.63 15.82
CA ARG A 69 3.50 15.03 16.61
C ARG A 69 2.75 16.14 15.88
N LEU A 70 1.42 16.08 15.91
CA LEU A 70 0.57 17.13 15.35
C LEU A 70 -0.26 17.80 16.45
N ARG A 71 -0.09 19.10 16.62
CA ARG A 71 -0.92 19.89 17.55
C ARG A 71 -2.05 20.60 16.82
N VAL A 72 -3.08 20.97 17.57
CA VAL A 72 -4.15 21.82 17.02
C VAL A 72 -3.68 23.27 16.80
N GLU A 98 -2.66 16.96 21.04
CA GLU A 98 -1.50 16.37 20.35
C GLU A 98 -1.69 14.93 19.80
N LEU A 99 -1.58 14.77 18.48
CA LEU A 99 -1.69 13.49 17.82
C LEU A 99 -0.31 12.95 17.49
N ARG A 100 -0.13 11.66 17.73
CA ARG A 100 0.99 10.89 17.18
C ARG A 100 0.73 10.70 15.69
N VAL A 101 1.72 11.09 14.87
CA VAL A 101 1.57 11.07 13.41
C VAL A 101 2.86 10.61 12.73
N VAL A 102 2.77 10.43 11.41
CA VAL A 102 3.93 10.17 10.60
C VAL A 102 4.11 11.35 9.63
N LEU A 103 5.37 11.76 9.41
CA LEU A 103 5.72 12.83 8.44
C LEU A 103 6.50 12.25 7.24
N LYS A 104 5.95 12.42 6.03
CA LYS A 104 6.56 11.97 4.79
C LYS A 104 7.14 13.20 4.03
N VAL A 105 8.45 13.38 4.15
CA VAL A 105 9.13 14.56 3.62
C VAL A 105 9.52 14.17 2.21
N LEU A 106 8.95 14.87 1.22
CA LEU A 106 9.23 14.62 -0.20
C LEU A 106 10.62 15.16 -0.52
N ASP A 107 11.44 14.36 -1.18
CA ASP A 107 12.76 14.78 -1.62
C ASP A 107 12.61 15.98 -2.55
N PRO A 108 13.67 16.82 -2.62
CA PRO A 108 13.72 17.85 -3.68
C PRO A 108 13.63 17.13 -5.01
N SER A 109 12.74 17.58 -5.89
CA SER A 109 12.42 16.80 -7.10
C SER A 109 11.60 17.58 -8.12
N HIS A 110 11.51 17.02 -9.32
CA HIS A 110 10.76 17.63 -10.39
C HIS A 110 9.35 18.01 -9.94
N HIS A 111 8.80 19.03 -10.57
CA HIS A 111 7.51 19.56 -10.18
C HIS A 111 6.36 18.52 -10.29
N ASP A 112 6.43 17.62 -11.27
CA ASP A 112 5.38 16.63 -11.46
C ASP A 112 5.30 15.63 -10.30
N ILE A 113 6.44 15.33 -9.70
CA ILE A 113 6.53 14.51 -8.49
C ILE A 113 5.79 15.25 -7.37
N ALA A 114 6.08 16.54 -7.23
CA ALA A 114 5.39 17.34 -6.23
C ALA A 114 3.87 17.34 -6.45
N LEU A 115 3.44 17.51 -7.70
CA LEU A 115 2.00 17.55 -8.00
C LEU A 115 1.33 16.20 -7.70
N ALA A 116 2.05 15.13 -8.02
CA ALA A 116 1.58 13.75 -7.78
C ALA A 116 1.39 13.49 -6.30
N PHE A 117 2.31 14.02 -5.50
CA PHE A 117 2.27 13.93 -4.03
C PHE A 117 1.01 14.59 -3.49
N TYR A 118 0.75 15.80 -3.97
CA TYR A 118 -0.44 16.55 -3.59
C TYR A 118 -1.71 15.87 -4.06
N GLU A 119 -1.67 15.22 -5.21
CA GLU A 119 -2.81 14.49 -5.75
C GLU A 119 -3.16 13.29 -4.83
N THR A 120 -2.15 12.64 -4.27
CA THR A 120 -2.38 11.55 -3.32
C THR A 120 -2.99 12.06 -1.99
N ALA A 121 -2.44 13.16 -1.48
CA ALA A 121 -2.96 13.76 -0.25
C ALA A 121 -4.43 14.13 -0.42
N SER A 122 -4.78 14.69 -1.58
CA SER A 122 -6.16 15.09 -1.86
C SER A 122 -7.12 13.91 -1.94
N LEU A 123 -6.73 12.91 -2.72
CA LEU A 123 -7.42 11.63 -2.81
C LEU A 123 -7.72 11.02 -1.43
N MET A 124 -6.69 10.90 -0.60
CA MET A 124 -6.79 10.21 0.68
C MET A 124 -7.43 11.07 1.75
N SER A 125 -7.51 12.37 1.50
CA SER A 125 -8.16 13.27 2.42
C SER A 125 -9.66 13.21 2.23
N GLN A 126 -10.12 12.52 1.19
CA GLN A 126 -11.55 12.53 0.87
C GLN A 126 -12.20 11.17 0.88
N VAL A 127 -11.59 10.24 1.60
CA VAL A 127 -12.10 8.88 1.72
C VAL A 127 -12.00 8.51 3.16
N SER A 128 -12.96 7.71 3.65
CA SER A 128 -12.94 7.17 5.02
C SER A 128 -13.18 5.67 4.96
N HIS A 129 -12.46 4.95 5.81
CA HIS A 129 -12.71 3.54 5.99
C HIS A 129 -12.01 3.03 7.24
N THR A 130 -12.61 2.06 7.88
CA THR A 130 -12.04 1.35 8.99
C THR A 130 -10.62 0.94 8.75
N HIS A 131 -10.33 0.47 7.53
CA HIS A 131 -9.02 -0.04 7.15
C HIS A 131 -8.24 0.83 6.16
N LEU A 132 -8.51 2.13 6.13
CA LEU A 132 -7.62 3.09 5.44
C LEU A 132 -7.04 4.03 6.47
N ALA A 133 -5.72 4.19 6.45
CA ALA A 133 -5.01 5.09 7.38
C ALA A 133 -5.36 6.55 7.08
N PHE A 134 -5.47 7.40 8.12
CA PHE A 134 -5.82 8.81 7.95
C PHE A 134 -4.68 9.61 7.29
N VAL A 135 -5.08 10.66 6.59
CA VAL A 135 -4.17 11.69 6.13
C VAL A 135 -4.67 12.95 6.80
N HIS A 136 -3.81 13.57 7.59
CA HIS A 136 -4.16 14.76 8.36
C HIS A 136 -4.01 16.01 7.53
N GLY A 137 -3.07 15.99 6.59
CA GLY A 137 -2.83 17.15 5.76
C GLY A 137 -1.47 17.20 5.10
N VAL A 138 -1.11 18.40 4.66
CA VAL A 138 0.18 18.65 4.06
C VAL A 138 0.74 19.91 4.72
N CYS A 139 2.00 19.82 5.14
CA CYS A 139 2.72 20.95 5.71
C CYS A 139 3.84 21.30 4.75
N VAL A 140 3.93 22.56 4.34
CA VAL A 140 5.09 23.03 3.59
C VAL A 140 6.03 23.71 4.58
N ARG A 141 7.26 23.24 4.60
CA ARG A 141 8.27 23.76 5.48
C ARG A 141 9.35 24.29 4.57
N GLY A 142 9.22 25.54 4.16
CA GLY A 142 10.13 26.11 3.20
C GLY A 142 10.07 25.26 1.93
N PRO A 143 11.24 24.88 1.39
CA PRO A 143 11.24 24.05 0.17
C PRO A 143 10.75 22.61 0.36
N GLU A 144 10.44 22.16 1.57
CA GLU A 144 10.06 20.75 1.76
C GLU A 144 8.58 20.56 1.81
N ASN A 145 8.05 19.60 1.06
CA ASN A 145 6.63 19.25 1.21
C ASN A 145 6.49 17.98 2.03
N ILE A 146 5.65 18.06 3.06
CA ILE A 146 5.50 17.01 4.06
C ILE A 146 4.04 16.56 4.17
N MET A 147 3.75 15.31 3.83
CA MET A 147 2.44 14.72 4.09
C MET A 147 2.37 14.28 5.56
N VAL A 148 1.30 14.66 6.25
CA VAL A 148 1.11 14.28 7.64
C VAL A 148 0.05 13.17 7.74
N THR A 149 0.43 12.00 8.25
CA THR A 149 -0.41 10.82 8.22
C THR A 149 -0.47 10.11 9.55
N GLU A 150 -1.43 9.19 9.64
CA GLU A 150 -1.65 8.41 10.84
C GLU A 150 -0.46 7.56 11.23
N TYR A 151 -0.03 7.71 12.48
CA TYR A 151 0.87 6.71 13.06
C TYR A 151 0.04 5.52 13.48
N VAL A 152 0.31 4.39 12.83
CA VAL A 152 -0.30 3.11 13.17
C VAL A 152 0.75 2.31 13.94
N GLU A 153 0.35 1.84 15.13
CA GLU A 153 1.26 1.41 16.20
C GLU A 153 2.41 0.47 15.85
N HIS A 154 2.09 -0.61 15.16
CA HIS A 154 3.09 -1.69 14.97
C HIS A 154 3.79 -1.66 13.63
N GLY A 155 3.54 -0.61 12.85
CA GLY A 155 4.29 -0.36 11.63
C GLY A 155 3.91 -1.27 10.46
N PRO A 156 4.78 -1.29 9.41
CA PRO A 156 4.56 -2.03 8.17
C PRO A 156 4.42 -3.50 8.40
N LEU A 157 3.51 -4.09 7.66
CA LEU A 157 3.21 -5.51 7.76
C LEU A 157 4.37 -6.39 7.25
N ASP A 158 4.99 -6.00 6.14
CA ASP A 158 6.09 -6.80 5.56
C ASP A 158 7.24 -6.94 6.55
N VAL A 159 7.59 -5.86 7.23
CA VAL A 159 8.70 -5.88 8.20
C VAL A 159 8.33 -6.79 9.37
N TRP A 160 7.07 -6.69 9.77
CA TRP A 160 6.58 -7.43 10.90
C TRP A 160 6.53 -8.91 10.58
N LEU A 161 6.08 -9.26 9.37
CA LEU A 161 5.99 -10.67 8.99
C LEU A 161 7.36 -11.32 8.91
N ARG A 162 8.35 -10.63 8.38
CA ARG A 162 9.71 -11.18 8.30
C ARG A 162 10.26 -11.46 9.69
N ARG A 163 10.02 -10.55 10.61
CA ARG A 163 10.44 -10.73 11.99
C ARG A 163 9.70 -11.88 12.68
N GLU A 164 8.40 -12.01 12.43
CA GLU A 164 7.58 -13.10 13.01
C GLU A 164 7.48 -14.33 12.09
N ARG A 165 8.35 -14.40 11.10
CA ARG A 165 8.47 -15.55 10.19
C ARG A 165 8.37 -16.89 10.94
N GLY A 166 7.44 -17.75 10.53
CA GLY A 166 7.30 -19.08 11.12
C GLY A 166 6.14 -19.26 12.07
N HIS A 167 5.69 -18.20 12.74
CA HIS A 167 4.56 -18.36 13.68
C HIS A 167 3.39 -17.38 13.51
N VAL A 168 3.12 -17.02 12.26
CA VAL A 168 1.88 -16.33 11.92
C VAL A 168 0.92 -17.35 11.30
N PRO A 169 -0.15 -17.74 11.99
CA PRO A 169 -1.02 -18.79 11.42
C PRO A 169 -1.85 -18.32 10.22
N MET A 170 -2.13 -19.26 9.30
CA MET A 170 -2.90 -18.94 8.12
C MET A 170 -4.24 -18.28 8.44
N ALA A 171 -4.86 -18.63 9.56
CA ALA A 171 -6.15 -18.02 9.91
C ALA A 171 -6.03 -16.52 10.23
N TRP A 172 -4.85 -16.10 10.67
CA TRP A 172 -4.57 -14.71 10.98
C TRP A 172 -4.46 -13.94 9.65
N LYS A 173 -3.74 -14.56 8.70
CA LYS A 173 -3.54 -14.02 7.35
C LYS A 173 -4.83 -13.86 6.59
N MET A 174 -5.79 -14.75 6.89
CA MET A 174 -7.09 -14.71 6.25
C MET A 174 -7.88 -13.50 6.70
N VAL A 175 -7.76 -13.15 7.97
CA VAL A 175 -8.45 -11.96 8.47
C VAL A 175 -7.83 -10.70 7.86
N VAL A 176 -6.51 -10.64 7.85
CA VAL A 176 -5.81 -9.53 7.24
C VAL A 176 -6.24 -9.38 5.78
N ALA A 177 -6.25 -10.50 5.05
CA ALA A 177 -6.69 -10.46 3.66
C ALA A 177 -8.12 -9.94 3.52
N GLN A 178 -9.05 -10.42 4.35
CA GLN A 178 -10.43 -9.93 4.29
C GLN A 178 -10.52 -8.42 4.56
N GLN A 179 -9.74 -7.92 5.51
CA GLN A 179 -9.71 -6.49 5.79
C GLN A 179 -9.20 -5.67 4.61
N LEU A 180 -8.10 -6.12 4.00
CA LEU A 180 -7.54 -5.46 2.83
C LEU A 180 -8.54 -5.40 1.69
N ALA A 181 -9.19 -6.54 1.43
CA ALA A 181 -10.19 -6.66 0.35
C ALA A 181 -11.37 -5.69 0.54
N SER A 182 -11.79 -5.48 1.79
CA SER A 182 -12.94 -4.63 2.03
C SER A 182 -12.58 -3.17 1.91
N ALA A 183 -11.42 -2.77 2.42
CA ALA A 183 -10.86 -1.45 2.09
C ALA A 183 -10.88 -1.23 0.58
N LEU A 184 -10.36 -2.21 -0.14
CA LEU A 184 -10.22 -2.12 -1.60
C LEU A 184 -11.55 -2.25 -2.33
N SER A 185 -12.55 -2.89 -1.74
CA SER A 185 -13.86 -2.92 -2.38
C SER A 185 -14.54 -1.57 -2.29
N TYR A 186 -14.28 -0.85 -1.19
CA TYR A 186 -14.78 0.51 -0.99
C TYR A 186 -14.19 1.47 -2.04
N LEU A 187 -12.89 1.43 -2.25
CA LEU A 187 -12.28 2.23 -3.31
C LEU A 187 -12.81 1.82 -4.71
N GLU A 188 -12.99 0.53 -4.95
CA GLU A 188 -13.58 0.13 -6.22
C GLU A 188 -14.97 0.77 -6.36
N ASN A 189 -15.82 0.65 -5.35
CA ASN A 189 -17.13 1.35 -5.37
C ASN A 189 -17.04 2.85 -5.72
N LYS A 190 -15.97 3.51 -5.28
CA LYS A 190 -15.77 4.94 -5.50
C LYS A 190 -15.03 5.23 -6.78
N ASN A 191 -14.68 4.18 -7.51
CA ASN A 191 -13.84 4.26 -8.69
C ASN A 191 -12.58 5.08 -8.50
N LEU A 192 -11.86 4.78 -7.43
CA LEU A 192 -10.58 5.43 -7.14
C LEU A 192 -9.49 4.39 -7.19
N VAL A 193 -8.35 4.70 -7.79
CA VAL A 193 -7.21 3.79 -7.80
C VAL A 193 -6.21 4.12 -6.70
N HIS A 194 -5.78 3.10 -5.96
CA HIS A 194 -4.72 3.25 -4.96
C HIS A 194 -3.37 3.31 -5.67
N GLY A 195 -3.06 2.26 -6.44
CA GLY A 195 -1.89 2.21 -7.29
C GLY A 195 -0.60 1.71 -6.66
N ASN A 196 -0.61 1.38 -5.39
CA ASN A 196 0.59 0.90 -4.71
C ASN A 196 0.25 -0.03 -3.52
N VAL A 197 -0.60 -1.03 -3.78
CA VAL A 197 -0.90 -2.07 -2.78
C VAL A 197 0.28 -3.04 -2.68
N CYS A 198 0.89 -3.03 -1.49
CA CYS A 198 1.99 -3.92 -1.12
C CYS A 198 2.04 -4.00 0.41
N GLY A 199 2.73 -5.01 0.94
CA GLY A 199 2.83 -5.21 2.40
C GLY A 199 3.43 -4.06 3.20
N ARG A 200 4.37 -3.33 2.59
CA ARG A 200 4.95 -2.14 3.19
C ARG A 200 3.94 -1.04 3.39
N ASN A 201 2.92 -0.98 2.54
CA ASN A 201 1.83 -0.06 2.75
C ASN A 201 0.66 -0.62 3.50
N ILE A 202 0.83 -1.75 4.17
CA ILE A 202 -0.16 -2.21 5.11
C ILE A 202 0.43 -2.04 6.51
N LEU A 203 -0.24 -1.28 7.34
CA LEU A 203 0.21 -0.95 8.68
C LEU A 203 -0.63 -1.74 9.68
N LEU A 204 0.03 -2.26 10.71
CA LEU A 204 -0.60 -3.10 11.72
C LEU A 204 -1.00 -2.30 13.01
N ALA A 205 -2.32 -2.11 13.21
CA ALA A 205 -2.85 -1.40 14.37
C ALA A 205 -2.93 -2.32 15.61
N ARG A 206 -3.37 -3.57 15.44
CA ARG A 206 -3.33 -4.57 16.51
C ARG A 206 -2.71 -5.88 16.02
N LEU A 207 -1.91 -6.49 16.87
CA LEU A 207 -1.22 -7.73 16.53
C LEU A 207 -2.23 -8.87 16.34
N GLY A 208 -3.21 -9.00 17.23
CA GLY A 208 -4.18 -10.11 17.18
C GLY A 208 -3.62 -11.54 17.31
N LEU A 209 -2.38 -11.70 17.80
CA LEU A 209 -1.79 -13.05 17.90
C LEU A 209 -2.17 -13.71 19.22
N ALA A 210 -2.34 -12.88 20.25
CA ALA A 210 -2.86 -13.31 21.52
C ALA A 210 -4.24 -13.98 21.39
N GLU A 211 -4.39 -15.11 22.09
CA GLU A 211 -5.66 -15.81 22.31
C GLU A 211 -6.88 -14.88 22.33
N GLY A 212 -7.83 -15.10 21.42
CA GLY A 212 -9.10 -14.36 21.47
C GLY A 212 -9.09 -12.95 20.88
N THR A 213 -7.92 -12.37 20.69
CA THR A 213 -7.81 -11.13 19.93
C THR A 213 -7.73 -11.43 18.42
N SER A 214 -7.95 -10.40 17.60
CA SER A 214 -7.78 -10.55 16.15
C SER A 214 -7.03 -9.33 15.59
N PRO A 215 -6.30 -9.54 14.51
CA PRO A 215 -5.47 -8.44 14.05
C PRO A 215 -6.31 -7.37 13.38
N PHE A 216 -5.71 -6.22 13.19
CA PHE A 216 -6.39 -5.11 12.57
C PHE A 216 -5.35 -4.35 11.80
N ILE A 217 -5.55 -4.26 10.48
CA ILE A 217 -4.65 -3.51 9.60
C ILE A 217 -5.27 -2.23 9.05
N LYS A 218 -4.41 -1.34 8.59
CA LYS A 218 -4.83 -0.16 7.82
C LYS A 218 -3.95 0.02 6.58
N LEU A 219 -4.58 0.23 5.43
CA LEU A 219 -3.87 0.45 4.19
C LEU A 219 -3.44 1.90 4.12
N SER A 220 -2.15 2.13 3.94
CA SER A 220 -1.62 3.50 3.93
C SER A 220 -1.79 4.16 2.57
N ASP A 221 -1.48 5.45 2.50
CA ASP A 221 -1.55 6.18 1.26
C ASP A 221 -0.55 5.61 0.26
N PRO A 222 -0.83 5.77 -1.05
CA PRO A 222 0.06 5.21 -2.06
C PRO A 222 1.34 6.03 -2.26
N GLY A 223 1.44 7.18 -1.61
CA GLY A 223 2.58 8.08 -1.80
C GLY A 223 2.58 8.70 -3.19
N VAL A 224 3.76 9.10 -3.66
CA VAL A 224 3.89 9.66 -5.01
C VAL A 224 3.22 8.71 -6.03
N GLY A 225 2.33 9.28 -6.84
CA GLY A 225 1.57 8.52 -7.82
C GLY A 225 2.45 7.79 -8.79
N LEU A 226 1.93 6.70 -9.32
CA LEU A 226 2.70 5.81 -10.18
C LEU A 226 3.13 6.49 -11.48
N GLY A 227 2.25 7.34 -12.02
CA GLY A 227 2.47 7.98 -13.32
C GLY A 227 3.67 8.90 -13.37
N ALA A 228 4.07 9.43 -12.22
CA ALA A 228 5.17 10.39 -12.16
C ALA A 228 6.52 9.73 -11.96
N LEU A 229 6.55 8.42 -11.76
CA LEU A 229 7.79 7.68 -11.47
C LEU A 229 8.49 7.25 -12.74
N SER A 230 9.79 7.04 -12.66
CA SER A 230 10.58 6.59 -13.80
C SER A 230 10.28 5.14 -14.11
N ARG A 231 10.50 4.72 -15.36
CA ARG A 231 10.37 3.31 -15.73
C ARG A 231 11.24 2.39 -14.87
N GLU A 232 12.44 2.85 -14.55
CA GLU A 232 13.34 2.14 -13.64
C GLU A 232 12.67 1.90 -12.28
N GLU A 233 11.90 2.88 -11.81
CA GLU A 233 11.22 2.74 -10.54
C GLU A 233 10.08 1.73 -10.63
N ARG A 234 9.30 1.80 -11.69
CA ARG A 234 8.22 0.81 -11.92
C ARG A 234 8.74 -0.63 -11.94
N VAL A 235 9.89 -0.88 -12.56
CA VAL A 235 10.50 -2.24 -12.58
C VAL A 235 10.78 -2.75 -11.17
N GLU A 236 11.41 -1.92 -10.34
CA GLU A 236 11.64 -2.26 -8.91
C GLU A 236 10.37 -2.73 -8.18
N ARG A 237 9.20 -2.22 -8.57
CA ARG A 237 7.94 -2.61 -7.92
C ARG A 237 7.35 -3.92 -8.41
N ILE A 238 7.98 -4.57 -9.40
CA ILE A 238 7.59 -5.93 -9.80
C ILE A 238 7.92 -6.83 -8.64
N PRO A 239 6.99 -7.73 -8.23
CA PRO A 239 5.70 -8.15 -8.78
C PRO A 239 4.43 -7.43 -8.30
N TRP A 240 4.55 -6.43 -7.43
CA TRP A 240 3.36 -5.69 -6.98
C TRP A 240 2.75 -4.86 -8.10
N LEU A 241 3.63 -4.34 -8.96
CA LEU A 241 3.23 -3.54 -10.09
C LEU A 241 2.38 -4.35 -11.08
N ALA A 242 1.24 -3.81 -11.49
CA ALA A 242 0.40 -4.48 -12.50
C ALA A 242 1.13 -4.41 -13.82
N PRO A 243 1.17 -5.52 -14.58
CA PRO A 243 1.90 -5.52 -15.84
C PRO A 243 1.49 -4.43 -16.83
N GLU A 244 0.22 -4.07 -16.88
CA GLU A 244 -0.22 -3.02 -17.82
C GLU A 244 0.41 -1.67 -17.50
N CYS A 245 0.98 -1.53 -16.30
CA CYS A 245 1.53 -0.26 -15.85
C CYS A 245 3.00 -0.10 -16.21
N LEU A 246 3.63 -1.18 -16.64
CA LEU A 246 5.05 -1.13 -16.98
C LEU A 246 5.32 -0.22 -18.20
N PRO A 247 4.48 -0.29 -19.27
CA PRO A 247 4.68 0.63 -20.38
C PRO A 247 4.21 2.02 -20.04
N LEU A 253 -3.98 1.53 -16.00
CA LEU A 253 -4.56 2.80 -15.58
C LEU A 253 -5.80 2.67 -14.66
N SER A 254 -6.46 1.53 -14.71
CA SER A 254 -7.77 1.36 -14.09
C SER A 254 -7.69 0.90 -12.64
N THR A 255 -8.86 0.78 -12.03
CA THR A 255 -8.99 0.18 -10.69
C THR A 255 -8.56 -1.28 -10.73
N ALA A 256 -8.51 -1.85 -11.94
CA ALA A 256 -8.00 -3.22 -12.15
C ALA A 256 -6.56 -3.44 -11.60
N MET A 257 -5.67 -2.45 -11.74
CA MET A 257 -4.29 -2.59 -11.25
C MET A 257 -4.21 -3.02 -9.79
N ASP A 258 -5.13 -2.54 -8.95
CA ASP A 258 -5.15 -2.91 -7.53
C ASP A 258 -5.55 -4.36 -7.24
N LYS A 259 -6.20 -5.01 -8.21
CA LYS A 259 -6.47 -6.43 -8.11
C LYS A 259 -5.18 -7.20 -8.25
N TRP A 260 -4.31 -6.75 -9.14
CA TRP A 260 -2.99 -7.39 -9.26
C TRP A 260 -2.21 -7.16 -7.96
N GLY A 261 -2.03 -5.90 -7.56
CA GLY A 261 -1.29 -5.57 -6.33
C GLY A 261 -1.82 -6.39 -5.16
N PHE A 262 -3.14 -6.48 -5.07
CA PHE A 262 -3.76 -7.27 -4.01
C PHE A 262 -3.27 -8.70 -4.05
N GLY A 263 -3.28 -9.30 -5.25
CA GLY A 263 -2.86 -10.67 -5.47
C GLY A 263 -1.42 -10.88 -5.04
N ALA A 264 -0.55 -10.01 -5.56
CA ALA A 264 0.87 -10.00 -5.23
C ALA A 264 1.09 -9.82 -3.73
N THR A 265 0.24 -9.00 -3.10
CA THR A 265 0.29 -8.78 -1.65
C THR A 265 -0.13 -10.04 -0.86
N LEU A 266 -1.15 -10.75 -1.35
CA LEU A 266 -1.55 -12.02 -0.72
C LEU A 266 -0.42 -13.05 -0.74
N LEU A 267 0.33 -13.10 -1.83
CA LEU A 267 1.49 -14.01 -1.88
C LEU A 267 2.52 -13.55 -0.85
N GLU A 268 2.85 -12.26 -0.88
CA GLU A 268 3.77 -11.67 0.10
C GLU A 268 3.34 -12.03 1.51
N ILE A 269 2.06 -11.84 1.82
CA ILE A 269 1.55 -12.23 3.12
C ILE A 269 1.71 -13.74 3.37
N CYS A 270 1.32 -14.59 2.42
CA CYS A 270 1.45 -16.05 2.63
C CYS A 270 2.89 -16.48 2.90
N PHE A 271 3.86 -15.84 2.25
CA PHE A 271 5.26 -16.17 2.47
C PHE A 271 5.92 -15.34 3.56
N ASP A 272 5.14 -14.93 4.57
CA ASP A 272 5.72 -14.25 5.74
C ASP A 272 6.64 -13.09 5.33
N GLY A 273 6.17 -12.30 4.37
CA GLY A 273 6.82 -11.05 4.06
C GLY A 273 7.90 -11.12 3.02
N GLU A 274 8.18 -12.31 2.49
CA GLU A 274 9.07 -12.49 1.34
C GLU A 274 8.18 -12.51 0.11
N ALA A 275 8.43 -11.62 -0.85
CA ALA A 275 7.65 -11.62 -2.08
C ALA A 275 8.44 -12.35 -3.16
N PRO A 276 7.74 -12.84 -4.20
CA PRO A 276 8.46 -13.58 -5.24
C PRO A 276 9.27 -12.64 -6.13
N LEU A 277 10.33 -13.18 -6.74
CA LEU A 277 11.24 -12.42 -7.60
C LEU A 277 12.12 -11.41 -6.86
N GLN A 278 12.37 -11.63 -5.57
CA GLN A 278 13.24 -10.71 -4.79
C GLN A 278 14.72 -10.95 -5.09
N SER A 279 15.09 -12.16 -5.48
CA SER A 279 16.46 -12.48 -5.88
C SER A 279 16.76 -12.15 -7.34
N ARG A 280 15.83 -11.48 -8.04
CA ARG A 280 15.96 -11.22 -9.48
C ARG A 280 16.44 -9.80 -9.76
N SER A 281 17.30 -9.64 -10.75
CA SER A 281 17.75 -8.31 -11.16
C SER A 281 16.64 -7.59 -11.91
N PRO A 282 16.75 -6.26 -12.05
CA PRO A 282 15.74 -5.51 -12.77
C PRO A 282 15.43 -6.11 -14.14
N SER A 283 16.49 -6.43 -14.88
CA SER A 283 16.35 -7.02 -16.21
C SER A 283 15.50 -8.29 -16.18
N GLU A 284 15.71 -9.13 -15.17
CA GLU A 284 14.98 -10.39 -15.03
C GLU A 284 13.50 -10.20 -14.69
N LYS A 285 13.20 -9.19 -13.88
CA LYS A 285 11.82 -8.89 -13.51
C LYS A 285 11.07 -8.41 -14.72
N GLU A 286 11.70 -7.53 -15.50
CA GLU A 286 11.15 -7.08 -16.77
C GLU A 286 10.88 -8.28 -17.67
N HIS A 287 11.89 -9.13 -17.83
CA HIS A 287 11.80 -10.28 -18.71
C HIS A 287 10.65 -11.21 -18.29
N PHE A 288 10.49 -11.39 -16.97
CA PHE A 288 9.39 -12.18 -16.39
C PHE A 288 8.03 -11.69 -16.89
N TYR A 289 7.85 -10.36 -16.85
CA TYR A 289 6.62 -9.76 -17.37
C TYR A 289 6.50 -9.90 -18.86
N GLN A 290 7.57 -9.61 -19.60
CA GLN A 290 7.53 -9.71 -21.07
C GLN A 290 7.07 -11.11 -21.52
N ARG A 291 7.66 -12.14 -20.93
CA ARG A 291 7.29 -13.52 -21.24
C ARG A 291 5.99 -13.99 -20.54
N GLN A 292 5.26 -13.06 -19.91
CA GLN A 292 4.09 -13.33 -19.06
C GLN A 292 4.12 -14.59 -18.20
N HIS A 293 5.23 -14.77 -17.50
CA HIS A 293 5.37 -15.89 -16.61
C HIS A 293 4.38 -15.79 -15.47
N ARG A 294 3.96 -16.96 -14.99
CA ARG A 294 2.99 -17.05 -13.91
C ARG A 294 3.68 -17.07 -12.53
N LEU A 295 3.10 -16.34 -11.60
CA LEU A 295 3.69 -16.20 -10.28
C LEU A 295 3.34 -17.44 -9.46
N PRO A 296 4.15 -17.72 -8.42
CA PRO A 296 3.90 -18.94 -7.68
C PRO A 296 2.54 -19.01 -7.00
N GLU A 297 2.21 -20.22 -6.58
CA GLU A 297 0.96 -20.55 -5.94
C GLU A 297 1.19 -20.40 -4.44
N PRO A 298 0.24 -19.79 -3.71
CA PRO A 298 0.31 -19.94 -2.27
C PRO A 298 -0.14 -21.35 -1.90
N GLN A 302 -5.34 -23.07 -0.07
CA GLN A 302 -5.84 -22.63 -1.37
C GLN A 302 -6.54 -21.24 -1.30
N LEU A 303 -5.71 -20.22 -1.16
CA LEU A 303 -5.97 -18.90 -1.73
C LEU A 303 -5.53 -18.92 -3.20
N ALA A 304 -5.13 -20.09 -3.69
CA ALA A 304 -4.47 -20.24 -4.99
C ALA A 304 -5.33 -19.76 -6.14
N THR A 305 -6.60 -20.15 -6.15
CA THR A 305 -7.53 -19.76 -7.19
C THR A 305 -7.65 -18.25 -7.25
N LEU A 306 -7.90 -17.68 -6.08
CA LEU A 306 -8.04 -16.24 -5.89
C LEU A 306 -6.82 -15.46 -6.38
N THR A 307 -5.65 -15.91 -5.93
CA THR A 307 -4.44 -15.22 -6.24
C THR A 307 -4.12 -15.30 -7.73
N SER A 308 -4.33 -16.49 -8.31
CA SER A 308 -4.16 -16.66 -9.75
C SER A 308 -5.13 -15.78 -10.56
N GLN A 309 -6.37 -15.69 -10.08
CA GLN A 309 -7.37 -14.82 -10.73
C GLN A 309 -6.94 -13.37 -10.74
N CYS A 310 -6.53 -12.88 -9.57
CA CYS A 310 -5.98 -11.54 -9.43
C CYS A 310 -4.72 -11.34 -10.29
N LEU A 311 -3.83 -12.33 -10.27
CA LEU A 311 -2.58 -12.26 -11.02
C LEU A 311 -2.72 -12.78 -12.47
N THR A 312 -3.80 -12.36 -13.13
CA THR A 312 -4.05 -12.60 -14.55
C THR A 312 -3.54 -11.34 -15.27
N TYR A 313 -2.72 -11.51 -16.29
CA TYR A 313 -2.13 -10.38 -16.98
C TYR A 313 -3.20 -9.49 -17.60
N GLU A 314 -4.22 -10.10 -18.23
CA GLU A 314 -5.33 -9.34 -18.85
C GLU A 314 -6.17 -8.69 -17.75
N PRO A 315 -6.18 -7.35 -17.70
CA PRO A 315 -6.90 -6.70 -16.60
C PRO A 315 -8.38 -7.04 -16.52
N THR A 316 -9.05 -7.13 -17.67
CA THR A 316 -10.51 -7.38 -17.70
C THR A 316 -10.94 -8.78 -17.22
N GLN A 317 -9.99 -9.63 -16.87
CA GLN A 317 -10.30 -10.98 -16.38
C GLN A 317 -10.10 -11.12 -14.86
N ARG A 318 -9.60 -10.07 -14.21
CA ARG A 318 -9.43 -10.08 -12.77
C ARG A 318 -10.80 -9.84 -12.12
N PRO A 319 -11.12 -10.60 -11.07
CA PRO A 319 -12.46 -10.51 -10.51
C PRO A 319 -12.65 -9.23 -9.66
N SER A 320 -13.90 -8.81 -9.50
CA SER A 320 -14.21 -7.63 -8.71
C SER A 320 -13.88 -7.85 -7.23
N PHE A 321 -13.71 -6.76 -6.49
CA PHE A 321 -13.49 -6.89 -5.05
C PHE A 321 -14.72 -7.42 -4.33
N ARG A 322 -15.90 -7.15 -4.88
CA ARG A 322 -17.12 -7.77 -4.38
C ARG A 322 -17.00 -9.29 -4.41
N THR A 323 -16.61 -9.83 -5.55
CA THR A 323 -16.34 -11.28 -5.68
C THR A 323 -15.18 -11.67 -4.79
N ILE A 324 -14.05 -10.98 -4.92
CA ILE A 324 -12.88 -11.37 -4.10
C ILE A 324 -13.29 -11.47 -2.65
N LEU A 325 -13.97 -10.44 -2.15
CA LEU A 325 -14.35 -10.38 -0.74
C LEU A 325 -15.37 -11.46 -0.36
N ARG A 326 -16.39 -11.66 -1.20
CA ARG A 326 -17.37 -12.73 -0.96
C ARG A 326 -16.66 -14.08 -0.84
N ASP A 327 -15.62 -14.28 -1.65
CA ASP A 327 -14.87 -15.52 -1.61
C ASP A 327 -14.03 -15.67 -0.33
N LEU A 328 -13.39 -14.59 0.12
CA LEU A 328 -12.58 -14.64 1.35
C LEU A 328 -13.45 -14.89 2.60
N THR A 329 -14.68 -14.38 2.57
CA THR A 329 -15.66 -14.60 3.65
C THR A 329 -16.05 -16.06 3.78
N ARG A 330 -16.47 -16.65 2.66
CA ARG A 330 -16.89 -18.05 2.63
C ARG A 330 -15.66 -18.97 2.59
N LEU A 331 -14.49 -18.46 2.95
CA LEU A 331 -13.32 -19.30 3.22
C LEU A 331 -13.00 -19.28 4.72
N GLN A 332 -13.28 -18.18 5.39
CA GLN A 332 -13.15 -18.10 6.85
C GLN A 332 -14.15 -17.11 7.45
#